data_2ISW
#
_entry.id   2ISW
#
_cell.length_a   90.020
_cell.length_b   90.050
_cell.length_c   166.090
_cell.angle_alpha   90.00
_cell.angle_beta   90.00
_cell.angle_gamma   90.00
#
_symmetry.space_group_name_H-M   'C 2 2 21'
#
loop_
_entity.id
_entity.type
_entity.pdbx_description
1 polymer 'Putative fructose-1,6-bisphosphate aldolase'
2 non-polymer 'ZINC ION'
3 non-polymer 'PHOSPHOGLYCOLOHYDROXAMIC ACID'
4 water water
#
_entity_poly.entity_id   1
_entity_poly.type   'polypeptide(L)'
_entity_poly.pdbx_seq_one_letter_code
;MPLCTLRQMLGEARKHKYGVGAFNVNNMEQIQGIMKAVVQLKSPVILQCSRGALKYSDMIYLKKLCEAALEKHPDIPICI
HLDHGDTLESVKMAIDLGFSSVMIDASHHPFDENVRITKEVVAYAHARSVSVEAELGTLGGIEEDVQNTVQLTEPQDAKK
FVELTGVDALAVAIGTSHGAYKFKSESDIRLAIDRVKTISDLTGIPLVMHGSSSVPKDVKDMINKYGGKMPDAVGVPIES
IVHAIGEGVCKINVDSDSRMAMTGAIRKVFVEHPEKFDPRDYLGPGRDAITEMLIPKIKAFGSAGHAGDYKVVSLEEAKA
WYK
;
_entity_poly.pdbx_strand_id   A,B
#
loop_
_chem_comp.id
_chem_comp.type
_chem_comp.name
_chem_comp.formula
PGH non-polymer 'PHOSPHOGLYCOLOHYDROXAMIC ACID' 'C2 H6 N O6 P'
ZN non-polymer 'ZINC ION' 'Zn 2'
#
# COMPACT_ATOMS: atom_id res chain seq x y z
N PRO A 2 7.70 -14.91 10.99
CA PRO A 2 6.37 -15.57 10.84
C PRO A 2 5.42 -14.72 11.67
N LEU A 3 4.11 -14.90 11.46
CA LEU A 3 3.11 -14.17 12.26
C LEU A 3 3.27 -14.60 13.71
N CYS A 4 3.40 -13.62 14.59
CA CYS A 4 3.65 -13.90 16.02
C CYS A 4 2.68 -13.24 16.97
N THR A 5 2.41 -13.89 18.09
CA THR A 5 1.49 -13.30 19.05
C THR A 5 2.18 -12.18 19.83
N LEU A 6 1.40 -11.25 20.38
CA LEU A 6 2.02 -10.20 21.19
C LEU A 6 2.48 -10.86 22.51
N ARG A 7 1.74 -11.86 22.99
CA ARG A 7 2.11 -12.50 24.26
C ARG A 7 3.51 -13.11 24.17
N GLN A 8 3.80 -13.77 23.09
CA GLN A 8 5.14 -14.36 22.95
C GLN A 8 6.22 -13.30 22.77
N MET A 9 5.98 -12.39 21.82
CA MET A 9 6.92 -11.35 21.52
C MET A 9 7.26 -10.46 22.71
N LEU A 10 6.22 -10.01 23.45
CA LEU A 10 6.48 -9.15 24.61
C LEU A 10 6.93 -9.98 25.82
N GLY A 11 6.61 -11.27 25.85
CA GLY A 11 7.14 -12.07 26.98
C GLY A 11 8.68 -12.17 26.84
N GLU A 12 9.17 -12.31 25.60
CA GLU A 12 10.60 -12.39 25.33
C GLU A 12 11.23 -11.04 25.66
N ALA A 13 10.54 -9.97 25.27
CA ALA A 13 11.04 -8.63 25.54
C ALA A 13 11.18 -8.42 27.04
N ARG A 14 10.14 -8.81 27.78
CA ARG A 14 10.18 -8.59 29.24
C ARG A 14 11.30 -9.40 29.89
N LYS A 15 11.44 -10.66 29.47
CA LYS A 15 12.44 -11.57 30.10
C LYS A 15 13.85 -11.04 29.90
N HIS A 16 14.09 -10.46 28.74
CA HIS A 16 15.41 -9.93 28.36
C HIS A 16 15.57 -8.44 28.46
N LYS A 17 14.60 -7.79 29.10
CA LYS A 17 14.67 -6.34 29.35
C LYS A 17 14.89 -5.47 28.11
N TYR A 18 14.17 -5.79 27.03
CA TYR A 18 14.22 -4.87 25.89
C TYR A 18 12.78 -4.47 25.58
N GLY A 19 12.64 -3.52 24.68
CA GLY A 19 11.32 -3.05 24.25
C GLY A 19 11.17 -3.27 22.75
N VAL A 20 9.92 -3.42 22.28
CA VAL A 20 9.68 -3.66 20.84
C VAL A 20 8.83 -2.50 20.33
N GLY A 21 9.34 -1.86 19.28
CA GLY A 21 8.60 -0.76 18.67
C GLY A 21 7.40 -1.29 17.95
N ALA A 22 6.27 -0.58 18.11
CA ALA A 22 5.03 -0.96 17.48
C ALA A 22 4.74 0.25 16.60
N PHE A 23 4.73 0.01 15.28
CA PHE A 23 4.65 1.12 14.35
C PHE A 23 3.35 1.11 13.58
N ASN A 24 2.60 2.21 13.62
CA ASN A 24 1.35 2.25 12.87
C ASN A 24 1.67 2.31 11.39
N VAL A 25 0.90 1.61 10.57
CA VAL A 25 1.09 1.64 9.13
C VAL A 25 -0.26 1.91 8.49
N ASN A 26 -0.26 2.61 7.35
CA ASN A 26 -1.51 2.93 6.64
C ASN A 26 -1.38 2.60 5.18
N ASN A 27 -0.17 2.25 4.70
CA ASN A 27 -0.04 1.97 3.27
C ASN A 27 1.24 1.27 2.96
N MET A 28 1.49 1.09 1.69
CA MET A 28 2.68 0.32 1.24
C MET A 28 4.01 0.89 1.61
N GLU A 29 4.21 2.16 1.31
CA GLU A 29 5.53 2.70 1.59
C GLU A 29 5.86 2.74 3.05
N GLN A 30 4.85 2.95 3.90
CA GLN A 30 5.12 2.98 5.36
C GLN A 30 5.51 1.59 5.82
N ILE A 31 4.77 0.56 5.39
CA ILE A 31 5.22 -0.80 5.74
C ILE A 31 6.62 -1.08 5.20
N GLN A 32 6.90 -0.70 3.96
CA GLN A 32 8.24 -0.99 3.46
C GLN A 32 9.28 -0.28 4.27
N GLY A 33 9.00 0.96 4.67
CA GLY A 33 10.01 1.69 5.45
C GLY A 33 10.30 1.05 6.80
N ILE A 34 9.25 0.57 7.44
CA ILE A 34 9.44 -0.09 8.75
C ILE A 34 10.18 -1.39 8.59
N MET A 35 9.77 -2.22 7.63
CA MET A 35 10.39 -3.52 7.46
C MET A 35 11.87 -3.45 7.10
N LYS A 36 12.25 -2.47 6.32
CA LYS A 36 13.68 -2.38 5.96
C LYS A 36 14.53 -2.14 7.21
N ALA A 37 14.01 -1.33 8.14
CA ALA A 37 14.75 -1.05 9.40
C ALA A 37 14.78 -2.30 10.28
N VAL A 38 13.64 -2.96 10.49
CA VAL A 38 13.73 -4.11 11.37
C VAL A 38 14.50 -5.27 10.78
N VAL A 39 14.46 -5.40 9.46
CA VAL A 39 15.17 -6.49 8.83
C VAL A 39 16.68 -6.18 8.93
N GLN A 40 17.06 -4.92 8.72
CA GLN A 40 18.49 -4.58 8.81
C GLN A 40 19.06 -4.90 10.20
N LEU A 41 18.23 -4.64 11.20
CA LEU A 41 18.60 -4.79 12.62
C LEU A 41 18.23 -6.14 13.24
N LYS A 42 17.72 -7.04 12.41
CA LYS A 42 17.25 -8.37 12.82
C LYS A 42 16.46 -8.26 14.11
N SER A 43 15.39 -7.43 14.10
CA SER A 43 14.52 -7.22 15.30
C SER A 43 13.05 -7.65 15.13
N PRO A 44 12.39 -7.88 16.28
CA PRO A 44 11.00 -8.29 16.25
C PRO A 44 10.25 -7.13 15.74
N VAL A 45 9.00 -7.22 15.38
CA VAL A 45 8.34 -5.96 15.05
C VAL A 45 6.86 -6.12 15.22
N ILE A 46 6.19 -5.05 15.64
CA ILE A 46 4.72 -5.09 15.72
C ILE A 46 4.26 -4.07 14.68
N LEU A 47 3.40 -4.51 13.74
CA LEU A 47 2.87 -3.56 12.76
C LEU A 47 1.45 -3.32 13.26
N GLN A 48 1.08 -2.07 13.55
CA GLN A 48 -0.27 -1.92 14.05
C GLN A 48 -1.11 -1.10 13.12
N CYS A 49 -2.40 -1.41 13.11
CA CYS A 49 -3.35 -0.72 12.23
C CYS A 49 -4.49 -0.26 13.12
N SER A 50 -4.78 1.03 13.10
CA SER A 50 -5.92 1.53 13.85
C SER A 50 -7.21 1.30 13.06
N ARG A 51 -8.36 1.53 13.68
CA ARG A 51 -9.58 1.41 12.91
C ARG A 51 -9.60 2.45 11.78
N GLY A 52 -8.97 3.61 12.00
CA GLY A 52 -8.93 4.61 10.94
C GLY A 52 -8.05 4.14 9.80
N ALA A 53 -6.96 3.44 10.13
CA ALA A 53 -6.08 2.96 9.07
C ALA A 53 -6.81 1.91 8.24
N LEU A 54 -7.66 1.12 8.88
CA LEU A 54 -8.32 0.08 8.16
C LEU A 54 -9.41 0.72 7.31
N LYS A 55 -9.95 1.85 7.75
CA LYS A 55 -10.97 2.52 6.93
C LYS A 55 -10.30 3.06 5.68
N TYR A 56 -9.14 3.69 5.89
CA TYR A 56 -8.39 4.33 4.82
C TYR A 56 -8.02 3.32 3.76
N SER A 57 -7.78 2.08 4.19
CA SER A 57 -7.31 1.03 3.28
C SER A 57 -8.36 0.01 2.86
N ASP A 58 -9.63 0.31 3.14
CA ASP A 58 -10.77 -0.56 2.82
C ASP A 58 -10.55 -1.96 3.40
N MET A 59 -9.78 -1.99 4.49
CA MET A 59 -9.43 -3.19 5.23
C MET A 59 -8.57 -4.19 4.44
N ILE A 60 -9.09 -4.61 3.30
CA ILE A 60 -8.41 -5.65 2.52
C ILE A 60 -7.07 -5.22 1.95
N TYR A 61 -6.89 -3.94 1.62
CA TYR A 61 -5.57 -3.60 1.06
C TYR A 61 -4.50 -3.70 2.15
N LEU A 62 -4.83 -3.31 3.37
CA LEU A 62 -3.84 -3.39 4.43
C LEU A 62 -3.63 -4.84 4.84
N LYS A 63 -4.66 -5.65 4.82
CA LYS A 63 -4.51 -7.10 5.16
C LYS A 63 -3.50 -7.71 4.15
N LYS A 64 -3.68 -7.43 2.86
CA LYS A 64 -2.77 -7.98 1.87
C LYS A 64 -1.34 -7.42 1.97
N LEU A 65 -1.18 -6.13 2.31
CA LEU A 65 0.18 -5.58 2.40
C LEU A 65 0.87 -6.24 3.61
N CYS A 66 0.12 -6.49 4.69
CA CYS A 66 0.77 -7.16 5.84
C CYS A 66 1.17 -8.60 5.42
N GLU A 67 0.33 -9.25 4.63
CA GLU A 67 0.69 -10.61 4.16
C GLU A 67 1.96 -10.55 3.34
N ALA A 68 2.10 -9.52 2.52
CA ALA A 68 3.29 -9.36 1.70
C ALA A 68 4.52 -9.25 2.61
N ALA A 69 4.37 -8.55 3.73
CA ALA A 69 5.53 -8.39 4.61
C ALA A 69 5.87 -9.73 5.24
N LEU A 70 4.85 -10.45 5.68
CA LEU A 70 5.04 -11.77 6.31
C LEU A 70 5.71 -12.74 5.35
N GLU A 71 5.28 -12.71 4.08
CA GLU A 71 5.87 -13.57 3.09
C GLU A 71 7.30 -13.17 2.66
N LYS A 72 7.56 -11.87 2.59
CA LYS A 72 8.86 -11.41 2.14
C LYS A 72 9.99 -11.62 3.17
N HIS A 73 9.58 -11.59 4.43
CA HIS A 73 10.55 -11.70 5.54
C HIS A 73 10.14 -12.81 6.51
N PRO A 74 10.15 -14.04 6.01
CA PRO A 74 9.78 -15.26 6.73
C PRO A 74 10.40 -15.51 8.10
N ASP A 75 11.62 -15.03 8.30
CA ASP A 75 12.29 -15.29 9.56
C ASP A 75 12.22 -14.20 10.65
N ILE A 76 11.42 -13.17 10.42
CA ILE A 76 11.28 -12.09 11.38
C ILE A 76 9.93 -12.30 12.04
N PRO A 77 9.88 -12.24 13.37
CA PRO A 77 8.63 -12.38 14.14
C PRO A 77 7.91 -11.08 13.92
N ILE A 78 6.71 -11.15 13.37
CA ILE A 78 5.96 -9.96 13.08
C ILE A 78 4.59 -10.15 13.71
N CYS A 79 4.19 -9.23 14.56
CA CYS A 79 2.85 -9.28 15.18
C CYS A 79 2.00 -8.22 14.44
N ILE A 80 0.80 -8.61 13.98
CA ILE A 80 -0.14 -7.70 13.33
C ILE A 80 -1.21 -7.42 14.41
N HIS A 81 -1.31 -6.16 14.83
CA HIS A 81 -2.09 -5.76 15.99
C HIS A 81 -3.06 -4.65 15.73
N LEU A 82 -4.28 -4.79 16.23
CA LEU A 82 -5.25 -3.71 16.06
C LEU A 82 -5.04 -2.64 17.14
N ASP A 83 -4.73 -1.41 16.73
CA ASP A 83 -4.47 -0.35 17.70
C ASP A 83 -5.77 0.37 18.05
N HIS A 84 -5.97 0.67 19.33
CA HIS A 84 -7.17 1.36 19.84
C HIS A 84 -8.54 0.84 19.38
N GLY A 85 -8.75 -0.46 19.51
CA GLY A 85 -10.05 -1.01 19.14
C GLY A 85 -11.03 -0.47 20.17
N ASP A 86 -12.25 -0.21 19.73
CA ASP A 86 -13.23 0.35 20.64
C ASP A 86 -14.33 -0.63 21.06
N THR A 87 -14.61 -1.63 20.23
CA THR A 87 -15.69 -2.56 20.53
C THR A 87 -15.29 -4.00 20.22
N LEU A 88 -16.11 -4.96 20.65
CA LEU A 88 -15.83 -6.36 20.32
C LEU A 88 -16.03 -6.52 18.81
N GLU A 89 -16.90 -5.71 18.22
CA GLU A 89 -17.11 -5.86 16.77
C GLU A 89 -15.82 -5.50 15.99
N SER A 90 -15.13 -4.46 16.41
CA SER A 90 -13.92 -4.07 15.68
C SER A 90 -12.83 -5.14 15.87
N VAL A 91 -12.87 -5.80 17.02
CA VAL A 91 -11.90 -6.85 17.34
C VAL A 91 -12.25 -8.09 16.49
N LYS A 92 -13.54 -8.43 16.32
CA LYS A 92 -13.83 -9.60 15.50
C LYS A 92 -13.41 -9.37 14.08
N MET A 93 -13.58 -8.12 13.62
CA MET A 93 -13.21 -7.75 12.24
C MET A 93 -11.70 -7.93 12.03
N ALA A 94 -10.92 -7.42 12.98
CA ALA A 94 -9.46 -7.53 12.86
C ALA A 94 -9.00 -9.01 12.89
N ILE A 95 -9.56 -9.77 13.82
CA ILE A 95 -9.20 -11.17 13.90
C ILE A 95 -9.54 -11.88 12.62
N ASP A 96 -10.67 -11.49 12.01
CA ASP A 96 -11.07 -12.12 10.75
C ASP A 96 -10.13 -11.80 9.62
N LEU A 97 -9.42 -10.68 9.73
CA LEU A 97 -8.44 -10.24 8.72
C LEU A 97 -7.10 -10.97 8.95
N GLY A 98 -7.00 -11.75 10.02
CA GLY A 98 -5.77 -12.49 10.25
C GLY A 98 -4.83 -11.92 11.31
N PHE A 99 -5.30 -10.96 12.07
CA PHE A 99 -4.42 -10.32 13.08
C PHE A 99 -4.08 -11.26 14.16
N SER A 100 -2.95 -11.00 14.80
CA SER A 100 -2.50 -11.87 15.87
C SER A 100 -2.61 -11.22 17.23
N SER A 101 -3.08 -9.96 17.24
CA SER A 101 -3.17 -9.22 18.47
C SER A 101 -4.17 -8.06 18.32
N VAL A 102 -4.83 -7.68 19.42
CA VAL A 102 -5.78 -6.59 19.36
C VAL A 102 -5.71 -5.83 20.67
N MET A 103 -5.94 -4.52 20.60
CA MET A 103 -6.03 -3.70 21.79
C MET A 103 -7.50 -3.28 21.98
N ILE A 104 -8.06 -3.54 23.14
CA ILE A 104 -9.43 -3.06 23.39
C ILE A 104 -9.24 -1.90 24.38
N ASP A 105 -9.52 -0.68 23.92
CA ASP A 105 -9.32 0.52 24.73
C ASP A 105 -10.68 1.00 25.24
N ALA A 106 -10.92 0.73 26.51
CA ALA A 106 -12.17 1.15 27.16
C ALA A 106 -11.77 2.01 28.35
N SER A 107 -10.60 2.64 28.23
CA SER A 107 -10.02 3.44 29.31
C SER A 107 -10.84 4.69 29.63
N HIS A 108 -11.74 5.06 28.75
CA HIS A 108 -12.55 6.26 29.01
C HIS A 108 -13.83 5.91 29.75
N HIS A 109 -13.99 4.62 30.04
CA HIS A 109 -15.18 4.15 30.77
C HIS A 109 -14.76 3.93 32.22
N PRO A 110 -15.73 3.89 33.15
CA PRO A 110 -15.42 3.69 34.57
C PRO A 110 -14.77 2.34 34.68
N PHE A 111 -14.05 2.10 35.76
CA PHE A 111 -13.33 0.85 35.95
C PHE A 111 -14.14 -0.42 35.67
N ASP A 112 -15.27 -0.59 36.32
CA ASP A 112 -16.02 -1.82 36.12
C ASP A 112 -16.49 -2.06 34.69
N GLU A 113 -16.83 -1.01 33.98
CA GLU A 113 -17.28 -1.13 32.60
C GLU A 113 -16.07 -1.48 31.71
N ASN A 114 -14.93 -0.89 32.02
CA ASN A 114 -13.69 -1.18 31.27
C ASN A 114 -13.43 -2.69 31.44
N VAL A 115 -13.53 -3.16 32.68
CA VAL A 115 -13.30 -4.55 32.96
C VAL A 115 -14.29 -5.44 32.19
N ARG A 116 -15.55 -5.04 32.15
CA ARG A 116 -16.54 -5.86 31.46
C ARG A 116 -16.32 -5.95 29.93
N ILE A 117 -16.10 -4.80 29.30
CA ILE A 117 -15.87 -4.73 27.85
C ILE A 117 -14.59 -5.52 27.53
N THR A 118 -13.58 -5.38 28.39
CA THR A 118 -12.26 -6.04 28.15
C THR A 118 -12.39 -7.56 28.26
N LYS A 119 -13.12 -8.04 29.28
CA LYS A 119 -13.33 -9.48 29.45
C LYS A 119 -14.00 -10.10 28.25
N GLU A 120 -14.97 -9.40 27.65
CA GLU A 120 -15.63 -9.94 26.47
C GLU A 120 -14.62 -10.15 25.34
N VAL A 121 -13.73 -9.19 25.16
CA VAL A 121 -12.71 -9.29 24.10
C VAL A 121 -11.72 -10.42 24.42
N VAL A 122 -11.25 -10.47 25.65
CA VAL A 122 -10.32 -11.50 26.04
C VAL A 122 -10.91 -12.87 25.77
N ALA A 123 -12.20 -13.10 26.06
CA ALA A 123 -12.70 -14.47 25.82
C ALA A 123 -12.70 -14.86 24.34
N TYR A 124 -13.11 -13.93 23.48
CA TYR A 124 -13.20 -14.21 22.05
C TYR A 124 -11.77 -14.33 21.46
N ALA A 125 -10.90 -13.43 21.89
CA ALA A 125 -9.55 -13.47 21.34
C ALA A 125 -8.77 -14.66 21.83
N HIS A 126 -8.79 -14.97 23.13
CA HIS A 126 -8.00 -16.12 23.60
C HIS A 126 -8.51 -17.44 23.04
N ALA A 127 -9.79 -17.48 22.69
CA ALA A 127 -10.33 -18.70 22.12
C ALA A 127 -9.74 -18.95 20.72
N ARG A 128 -9.06 -17.96 20.14
CA ARG A 128 -8.44 -18.11 18.84
C ARG A 128 -6.92 -17.95 18.91
N SER A 129 -6.39 -17.90 20.13
CA SER A 129 -4.96 -17.73 20.37
C SER A 129 -4.44 -16.30 20.21
N VAL A 130 -5.34 -15.38 19.94
CA VAL A 130 -4.98 -13.98 19.70
C VAL A 130 -4.71 -13.19 20.96
N SER A 131 -3.64 -12.37 20.98
CA SER A 131 -3.36 -11.64 22.23
C SER A 131 -4.24 -10.43 22.38
N VAL A 132 -4.30 -9.94 23.63
CA VAL A 132 -5.11 -8.76 23.96
C VAL A 132 -4.34 -7.76 24.84
N GLU A 133 -4.35 -6.52 24.40
CA GLU A 133 -3.79 -5.37 25.13
C GLU A 133 -5.00 -4.53 25.57
N ALA A 134 -5.00 -4.02 26.81
CA ALA A 134 -6.09 -3.16 27.27
C ALA A 134 -5.43 -1.96 27.92
N GLU A 135 -6.22 -0.95 28.31
CA GLU A 135 -5.62 0.24 28.89
C GLU A 135 -6.31 0.66 30.17
N LEU A 136 -5.53 1.00 31.17
CA LEU A 136 -6.12 1.48 32.42
C LEU A 136 -5.41 2.81 32.68
N GLY A 137 -6.17 3.88 32.70
CA GLY A 137 -5.57 5.19 32.89
C GLY A 137 -5.84 5.90 31.58
N THR A 138 -5.82 7.23 31.56
CA THR A 138 -6.11 7.91 30.31
C THR A 138 -4.95 8.70 29.71
N LEU A 139 -4.85 8.55 28.38
CA LEU A 139 -3.86 9.15 27.48
C LEU A 139 -2.83 8.14 26.99
N VAL A 150 -6.47 14.15 33.65
CA VAL A 150 -5.57 13.08 33.21
C VAL A 150 -5.28 12.08 34.32
N GLN A 151 -6.02 10.98 34.26
CA GLN A 151 -6.00 9.84 35.18
C GLN A 151 -4.71 9.01 35.04
N LEU A 152 -3.70 9.23 35.87
CA LEU A 152 -2.49 8.40 35.77
C LEU A 152 -2.83 7.02 36.31
N THR A 153 -2.16 6.00 35.82
CA THR A 153 -2.45 4.65 36.30
C THR A 153 -2.05 4.37 37.76
N GLU A 154 -3.04 3.96 38.56
CA GLU A 154 -2.81 3.58 39.98
C GLU A 154 -2.28 2.12 40.05
N PRO A 155 -1.06 1.89 40.54
CA PRO A 155 -0.53 0.51 40.60
C PRO A 155 -1.46 -0.57 41.18
N GLN A 156 -2.11 -0.30 42.31
CA GLN A 156 -2.98 -1.35 42.89
C GLN A 156 -4.19 -1.63 42.00
N ASP A 157 -4.74 -0.59 41.40
CA ASP A 157 -5.88 -0.77 40.49
C ASP A 157 -5.46 -1.58 39.25
N ALA A 158 -4.25 -1.33 38.77
CA ALA A 158 -3.73 -2.04 37.60
C ALA A 158 -3.62 -3.52 37.96
N LYS A 159 -3.17 -3.82 39.18
CA LYS A 159 -3.04 -5.23 39.58
C LYS A 159 -4.40 -5.91 39.58
N LYS A 160 -5.42 -5.20 40.08
CA LYS A 160 -6.78 -5.74 40.14
C LYS A 160 -7.35 -5.90 38.73
N PHE A 161 -7.17 -4.89 37.92
CA PHE A 161 -7.67 -4.98 36.55
C PHE A 161 -7.07 -6.20 35.82
N VAL A 162 -5.76 -6.37 35.90
CA VAL A 162 -5.20 -7.53 35.20
C VAL A 162 -5.73 -8.86 35.74
N GLU A 163 -5.88 -8.98 37.05
CA GLU A 163 -6.39 -10.21 37.66
C GLU A 163 -7.81 -10.47 37.16
N LEU A 164 -8.59 -9.41 37.04
CA LEU A 164 -9.96 -9.59 36.62
C LEU A 164 -10.12 -9.81 35.12
N THR A 165 -9.16 -9.36 34.32
CA THR A 165 -9.33 -9.45 32.86
C THR A 165 -8.50 -10.48 32.17
N GLY A 166 -7.31 -10.78 32.69
CA GLY A 166 -6.49 -11.76 32.02
C GLY A 166 -5.85 -11.25 30.74
N VAL A 167 -5.75 -9.93 30.56
CA VAL A 167 -5.11 -9.45 29.35
C VAL A 167 -3.64 -9.86 29.30
N ASP A 168 -3.07 -9.89 28.10
CA ASP A 168 -1.68 -10.25 27.93
C ASP A 168 -0.76 -9.03 28.10
N ALA A 169 -1.29 -7.82 27.92
CA ALA A 169 -0.44 -6.62 28.07
C ALA A 169 -1.29 -5.46 28.51
N LEU A 170 -0.68 -4.55 29.27
CA LEU A 170 -1.45 -3.41 29.80
C LEU A 170 -0.85 -2.10 29.38
N ALA A 171 -1.66 -1.21 28.77
CA ALA A 171 -1.15 0.11 28.39
C ALA A 171 -1.36 0.98 29.62
N VAL A 172 -0.33 1.73 30.00
CA VAL A 172 -0.36 2.56 31.20
C VAL A 172 -0.26 4.03 30.85
N ALA A 173 -0.86 4.84 31.72
CA ALA A 173 -0.85 6.30 31.58
C ALA A 173 0.16 6.90 32.55
N ILE A 174 1.23 7.48 32.00
CA ILE A 174 2.31 8.07 32.79
C ILE A 174 2.70 9.48 32.32
N GLY A 175 1.83 10.14 31.56
CA GLY A 175 2.17 11.49 31.13
C GLY A 175 2.34 11.76 29.64
N THR A 176 2.38 10.70 28.84
CA THR A 176 2.51 10.87 27.39
C THR A 176 1.12 11.18 26.81
N SER A 177 1.07 11.42 25.51
CA SER A 177 -0.18 11.70 24.84
C SER A 177 0.06 11.55 23.34
N HIS A 178 -1.01 11.43 22.60
CA HIS A 178 -0.92 11.27 21.13
C HIS A 178 -0.57 12.56 20.45
N GLY A 179 0.21 12.48 19.38
CA GLY A 179 0.54 13.69 18.64
C GLY A 179 1.96 14.23 18.75
N ALA A 180 2.22 15.25 17.94
CA ALA A 180 3.55 15.86 17.90
C ALA A 180 3.79 17.07 18.81
N TYR A 181 2.83 17.38 19.70
CA TYR A 181 2.98 18.52 20.61
C TYR A 181 2.68 18.02 22.03
N LYS A 182 3.48 17.04 22.47
CA LYS A 182 3.28 16.42 23.77
C LYS A 182 3.64 17.27 24.98
N PHE A 183 4.56 18.21 24.80
CA PHE A 183 5.00 19.10 25.90
C PHE A 183 5.19 20.54 25.42
N LYS A 184 4.94 21.49 26.31
CA LYS A 184 5.08 22.90 25.96
C LYS A 184 6.53 23.36 25.76
N SER A 185 7.48 22.66 26.36
CA SER A 185 8.88 22.99 26.19
C SER A 185 9.64 21.70 25.94
N ARG A 190 6.82 16.47 33.53
CA ARG A 190 7.20 15.55 32.47
C ARG A 190 6.47 14.19 32.56
N LEU A 191 7.18 13.14 32.97
CA LEU A 191 6.59 11.80 33.07
C LEU A 191 6.70 11.15 34.44
N ALA A 192 5.99 10.03 34.61
CA ALA A 192 5.95 9.27 35.85
C ALA A 192 6.50 7.85 35.69
N ILE A 193 7.82 7.71 35.57
CA ILE A 193 8.40 6.38 35.40
C ILE A 193 8.54 5.54 36.67
N ASP A 194 8.41 6.15 37.85
CA ASP A 194 8.54 5.35 39.07
C ASP A 194 7.34 4.42 39.21
N ARG A 195 6.21 4.86 38.68
CA ARG A 195 4.99 4.08 38.72
C ARG A 195 5.15 2.84 37.85
N VAL A 196 5.95 2.96 36.77
CA VAL A 196 6.14 1.83 35.84
C VAL A 196 6.66 0.58 36.53
N LYS A 197 7.77 0.71 37.27
CA LYS A 197 8.29 -0.46 37.93
C LYS A 197 7.27 -1.09 38.87
N THR A 198 6.57 -0.25 39.62
CA THR A 198 5.58 -0.76 40.57
C THR A 198 4.42 -1.51 39.85
N ILE A 199 3.90 -0.91 38.79
CA ILE A 199 2.85 -1.55 38.00
C ILE A 199 3.37 -2.87 37.43
N SER A 200 4.60 -2.85 36.91
CA SER A 200 5.19 -4.03 36.33
C SER A 200 5.33 -5.15 37.34
N ASP A 201 5.82 -4.81 38.52
CA ASP A 201 5.98 -5.82 39.55
C ASP A 201 4.65 -6.37 40.04
N LEU A 202 3.70 -5.49 40.30
CA LEU A 202 2.37 -5.87 40.76
C LEU A 202 1.54 -6.67 39.73
N THR A 203 1.58 -6.30 38.44
CA THR A 203 0.82 -7.00 37.43
C THR A 203 1.52 -8.26 36.89
N GLY A 204 2.83 -8.21 36.81
CA GLY A 204 3.59 -9.33 36.35
C GLY A 204 3.52 -9.47 34.84
N ILE A 205 2.97 -8.47 34.17
CA ILE A 205 2.88 -8.55 32.72
C ILE A 205 3.52 -7.39 31.95
N PRO A 206 3.76 -7.61 30.64
CA PRO A 206 4.35 -6.60 29.76
C PRO A 206 3.48 -5.33 29.77
N LEU A 207 4.12 -4.17 29.78
CA LEU A 207 3.40 -2.90 29.78
C LEU A 207 3.67 -2.22 28.44
N VAL A 208 2.73 -1.37 28.05
CA VAL A 208 2.77 -0.68 26.75
C VAL A 208 2.74 0.81 27.01
N MET A 209 3.53 1.57 26.23
CA MET A 209 3.60 3.00 26.36
C MET A 209 3.14 3.61 25.06
N HIS A 210 1.99 4.26 25.12
CA HIS A 210 1.35 4.94 23.98
C HIS A 210 1.92 6.36 23.86
N GLY A 211 1.69 7.00 22.72
CA GLY A 211 2.14 8.37 22.52
C GLY A 211 3.63 8.56 22.77
N SER A 212 4.42 7.65 22.20
CA SER A 212 5.87 7.66 22.40
C SER A 212 6.79 8.07 21.28
N SER A 213 6.28 8.77 20.26
CA SER A 213 7.19 9.26 19.22
C SER A 213 8.09 10.30 19.95
N SER A 214 9.31 10.49 19.42
CA SER A 214 10.26 11.39 20.05
C SER A 214 10.39 12.74 19.36
N VAL A 215 9.79 12.87 18.17
CA VAL A 215 9.89 14.08 17.33
C VAL A 215 11.37 14.45 17.27
N PRO A 216 12.18 13.59 16.64
CA PRO A 216 13.63 13.88 16.55
C PRO A 216 13.88 15.19 15.80
N LYS A 217 14.95 15.89 16.17
CA LYS A 217 15.38 17.16 15.57
C LYS A 217 15.52 17.16 14.04
N ASP A 218 16.21 16.16 13.50
CA ASP A 218 16.44 16.04 12.06
C ASP A 218 15.12 16.15 11.30
N VAL A 219 14.15 15.36 11.75
CA VAL A 219 12.83 15.27 11.15
C VAL A 219 12.05 16.55 11.27
N LYS A 220 12.07 17.16 12.44
CA LYS A 220 11.28 18.39 12.60
C LYS A 220 11.87 19.56 11.80
N ASP A 221 13.20 19.65 11.80
CA ASP A 221 13.89 20.72 11.07
C ASP A 221 13.58 20.65 9.59
N MET A 222 13.51 19.43 9.05
CA MET A 222 13.22 19.26 7.64
C MET A 222 11.83 19.79 7.25
N ILE A 223 10.81 19.44 8.04
CA ILE A 223 9.48 19.95 7.78
C ILE A 223 9.45 21.48 7.79
N ASN A 224 10.09 22.06 8.79
CA ASN A 224 10.05 23.51 8.87
C ASN A 224 10.96 24.17 7.85
N LYS A 225 12.03 23.51 7.41
CA LYS A 225 12.89 24.14 6.41
C LYS A 225 12.20 24.24 5.06
N TYR A 226 11.36 23.24 4.77
CA TYR A 226 10.72 23.18 3.45
C TYR A 226 9.20 23.51 3.41
N GLY A 227 8.81 24.59 4.11
CA GLY A 227 7.44 25.06 4.09
C GLY A 227 6.38 24.58 5.07
N GLY A 228 6.73 23.60 5.91
CA GLY A 228 5.78 23.08 6.87
C GLY A 228 5.69 24.02 8.06
N LYS A 229 4.61 23.89 8.84
CA LYS A 229 4.41 24.75 10.00
C LYS A 229 4.28 23.95 11.29
N MET A 230 5.39 23.43 11.79
CA MET A 230 5.40 22.69 13.07
C MET A 230 6.54 23.18 13.93
N PRO A 231 6.58 24.50 14.23
CA PRO A 231 7.69 25.00 15.06
C PRO A 231 7.70 24.56 16.53
N ASP A 232 6.54 24.18 17.07
CA ASP A 232 6.51 23.79 18.48
C ASP A 232 6.32 22.32 18.77
N ALA A 233 6.66 21.49 17.79
CA ALA A 233 6.54 20.04 17.95
C ALA A 233 7.55 19.57 18.99
N VAL A 234 7.08 18.75 19.93
CA VAL A 234 7.95 18.20 20.99
C VAL A 234 7.52 16.76 21.31
N GLY A 235 8.49 15.82 21.30
CA GLY A 235 8.19 14.41 21.59
C GLY A 235 8.76 13.90 22.91
N VAL A 236 8.68 12.60 23.16
CA VAL A 236 9.24 12.00 24.40
C VAL A 236 10.75 11.76 24.20
N PRO A 237 11.62 12.30 25.10
CA PRO A 237 13.07 12.04 24.89
C PRO A 237 13.34 10.55 24.84
N ILE A 238 14.22 10.12 23.95
CA ILE A 238 14.51 8.69 23.89
C ILE A 238 15.05 8.14 25.22
N GLU A 239 15.87 8.93 25.93
CA GLU A 239 16.41 8.49 27.21
C GLU A 239 15.31 8.14 28.22
N SER A 240 14.20 8.87 28.18
CA SER A 240 13.09 8.57 29.08
C SER A 240 12.48 7.22 28.72
N ILE A 241 12.36 6.91 27.44
CA ILE A 241 11.75 5.64 27.01
C ILE A 241 12.69 4.49 27.38
N VAL A 242 13.99 4.70 27.18
CA VAL A 242 14.95 3.67 27.53
C VAL A 242 14.86 3.37 29.03
N HIS A 243 14.65 4.40 29.84
CA HIS A 243 14.52 4.21 31.29
C HIS A 243 13.26 3.38 31.60
N ALA A 244 12.16 3.69 30.94
CA ALA A 244 10.90 3.00 31.16
C ALA A 244 11.00 1.51 30.74
N ILE A 245 11.67 1.25 29.62
CA ILE A 245 11.91 -0.13 29.16
C ILE A 245 12.63 -0.91 30.27
N GLY A 246 13.64 -0.29 30.87
CA GLY A 246 14.33 -0.97 31.95
C GLY A 246 13.44 -1.24 33.16
N GLU A 247 12.31 -0.56 33.29
CA GLU A 247 11.41 -0.81 34.40
C GLU A 247 10.18 -1.66 34.06
N GLY A 248 10.12 -2.21 32.84
CA GLY A 248 9.02 -3.08 32.50
C GLY A 248 8.19 -2.70 31.28
N VAL A 249 8.51 -1.59 30.62
CA VAL A 249 7.75 -1.27 29.41
C VAL A 249 8.34 -2.18 28.33
N CYS A 250 7.48 -2.84 27.51
CA CYS A 250 7.96 -3.81 26.54
C CYS A 250 7.52 -3.49 25.11
N LYS A 251 6.54 -2.61 24.99
CA LYS A 251 6.00 -2.26 23.65
C LYS A 251 5.93 -0.74 23.63
N ILE A 252 6.48 -0.14 22.58
CA ILE A 252 6.52 1.32 22.51
C ILE A 252 5.84 1.73 21.20
N ASN A 253 4.74 2.44 21.33
CA ASN A 253 3.95 2.81 20.14
C ASN A 253 4.52 4.03 19.47
N VAL A 254 4.80 3.92 18.17
CA VAL A 254 5.37 5.06 17.41
C VAL A 254 4.58 5.27 16.13
N ASP A 255 4.03 6.48 16.00
CA ASP A 255 3.25 6.79 14.81
C ASP A 255 3.63 8.18 14.21
N SER A 256 3.54 9.24 15.00
CA SER A 256 3.85 10.61 14.50
C SER A 256 5.24 10.75 13.93
N ASP A 257 6.22 10.11 14.55
CA ASP A 257 7.59 10.21 14.01
C ASP A 257 7.67 9.73 12.55
N SER A 258 7.02 8.62 12.22
CA SER A 258 7.04 8.10 10.83
C SER A 258 6.31 9.04 9.90
N ARG A 259 5.19 9.55 10.39
CA ARG A 259 4.40 10.52 9.61
C ARG A 259 5.24 11.76 9.30
N MET A 260 5.94 12.28 10.32
CA MET A 260 6.74 13.48 10.11
C MET A 260 7.90 13.19 9.18
N ALA A 261 8.54 12.02 9.31
CA ALA A 261 9.66 11.67 8.48
C ALA A 261 9.26 11.64 6.99
N MET A 262 8.13 11.02 6.68
CA MET A 262 7.68 10.91 5.28
C MET A 262 7.32 12.27 4.73
N THR A 263 6.57 13.02 5.53
CA THR A 263 6.10 14.36 5.09
C THR A 263 7.30 15.31 4.84
N GLY A 264 8.26 15.26 5.75
CA GLY A 264 9.45 16.08 5.60
C GLY A 264 10.21 15.79 4.33
N ALA A 265 10.35 14.49 4.00
CA ALA A 265 11.08 14.09 2.80
C ALA A 265 10.35 14.49 1.56
N ILE A 266 9.02 14.42 1.56
CA ILE A 266 8.25 14.82 0.38
C ILE A 266 8.40 16.35 0.15
N ARG A 267 8.31 17.11 1.24
CA ARG A 267 8.46 18.57 1.17
C ARG A 267 9.80 18.95 0.59
N LYS A 268 10.83 18.19 0.97
CA LYS A 268 12.16 18.47 0.45
C LYS A 268 12.22 18.27 -1.07
N VAL A 269 11.68 17.16 -1.57
CA VAL A 269 11.66 16.90 -3.02
C VAL A 269 10.88 17.97 -3.75
N PHE A 270 9.74 18.34 -3.18
CA PHE A 270 8.84 19.32 -3.81
C PHE A 270 9.56 20.67 -3.98
N VAL A 271 10.44 21.02 -3.04
CA VAL A 271 11.19 22.27 -3.16
C VAL A 271 12.44 22.16 -4.00
N GLU A 272 13.22 21.11 -3.79
CA GLU A 272 14.47 21.00 -4.55
C GLU A 272 14.25 20.58 -5.99
N HIS A 273 13.20 19.81 -6.22
CA HIS A 273 12.94 19.36 -7.56
C HIS A 273 11.50 19.50 -7.92
N PRO A 274 11.04 20.76 -8.12
CA PRO A 274 9.65 21.07 -8.45
C PRO A 274 9.15 20.46 -9.74
N GLU A 275 10.08 19.96 -10.57
CA GLU A 275 9.72 19.35 -11.86
C GLU A 275 9.20 17.94 -11.71
N LYS A 276 9.51 17.29 -10.59
CA LYS A 276 9.06 15.91 -10.43
C LYS A 276 7.60 15.80 -10.06
N PHE A 277 6.93 14.87 -10.73
CA PHE A 277 5.50 14.68 -10.45
C PHE A 277 5.13 13.17 -10.37
N ASP A 278 6.10 12.26 -10.49
CA ASP A 278 5.73 10.85 -10.35
C ASP A 278 5.81 10.59 -8.83
N PRO A 279 4.72 10.11 -8.21
CA PRO A 279 4.76 9.84 -6.75
C PRO A 279 5.95 9.01 -6.25
N ARG A 280 6.42 8.05 -7.04
CA ARG A 280 7.59 7.29 -6.59
C ARG A 280 8.79 8.20 -6.30
N ASP A 281 8.90 9.33 -6.98
CA ASP A 281 10.04 10.25 -6.78
C ASP A 281 10.03 10.99 -5.43
N TYR A 282 8.87 11.06 -4.77
CA TYR A 282 8.83 11.66 -3.45
C TYR A 282 8.42 10.65 -2.36
N LEU A 283 7.56 9.68 -2.68
CA LEU A 283 7.18 8.67 -1.66
C LEU A 283 8.35 7.72 -1.42
N GLY A 284 9.21 7.56 -2.44
CA GLY A 284 10.40 6.74 -2.33
C GLY A 284 11.30 7.37 -1.26
N PRO A 285 11.67 8.64 -1.43
CA PRO A 285 12.50 9.30 -0.42
C PRO A 285 11.74 9.29 0.92
N GLY A 286 10.40 9.30 0.88
CA GLY A 286 9.60 9.31 2.10
C GLY A 286 9.82 8.02 2.88
N ARG A 287 9.70 6.94 2.14
CA ARG A 287 9.89 5.61 2.69
C ARG A 287 11.28 5.46 3.29
N ASP A 288 12.31 5.93 2.57
CA ASP A 288 13.70 5.81 3.07
C ASP A 288 13.88 6.68 4.35
N ALA A 289 13.20 7.83 4.42
CA ALA A 289 13.37 8.68 5.62
C ALA A 289 12.79 7.97 6.86
N ILE A 290 11.68 7.24 6.67
CA ILE A 290 11.12 6.48 7.78
C ILE A 290 12.16 5.46 8.24
N THR A 291 12.82 4.82 7.29
CA THR A 291 13.75 3.77 7.68
C THR A 291 14.91 4.32 8.47
N GLU A 292 15.45 5.42 7.99
CA GLU A 292 16.61 6.02 8.64
C GLU A 292 16.25 6.57 9.99
N MET A 293 15.03 7.04 10.12
CA MET A 293 14.60 7.56 11.41
C MET A 293 14.44 6.45 12.43
N LEU A 294 13.95 5.30 11.99
CA LEU A 294 13.70 4.20 12.88
C LEU A 294 14.94 3.44 13.35
N ILE A 295 15.99 3.39 12.53
CA ILE A 295 17.16 2.60 12.90
C ILE A 295 17.76 2.96 14.30
N PRO A 296 18.03 4.23 14.59
CA PRO A 296 18.58 4.46 15.95
C PRO A 296 17.54 4.23 17.07
N LYS A 297 16.26 4.37 16.74
CA LYS A 297 15.21 4.18 17.72
C LYS A 297 15.13 2.70 18.12
N ILE A 298 15.15 1.82 17.11
CA ILE A 298 15.12 0.39 17.35
C ILE A 298 16.37 0.01 18.14
N LYS A 299 17.52 0.57 17.79
CA LYS A 299 18.72 0.24 18.56
C LYS A 299 18.54 0.58 20.01
N ALA A 300 17.97 1.76 20.27
CA ALA A 300 17.74 2.22 21.63
C ALA A 300 16.71 1.38 22.42
N PHE A 301 15.69 0.85 21.74
CA PHE A 301 14.66 0.07 22.41
C PHE A 301 15.28 -1.24 22.88
N GLY A 302 16.34 -1.64 22.18
CA GLY A 302 17.09 -2.83 22.54
C GLY A 302 16.67 -4.14 21.87
N SER A 303 15.76 -4.03 20.91
CA SER A 303 15.29 -5.25 20.23
C SER A 303 16.15 -5.74 19.12
N ALA A 304 17.16 -4.97 18.71
CA ALA A 304 18.00 -5.42 17.60
C ALA A 304 18.71 -6.75 17.91
N GLY A 305 18.76 -7.60 16.90
CA GLY A 305 19.42 -8.89 17.04
C GLY A 305 18.66 -9.95 17.78
N HIS A 306 17.41 -9.67 18.15
CA HIS A 306 16.64 -10.63 18.87
C HIS A 306 15.65 -11.36 18.01
N ALA A 307 15.54 -11.04 16.70
CA ALA A 307 14.54 -11.74 15.88
C ALA A 307 14.73 -13.25 15.80
N GLY A 308 15.99 -13.72 15.96
CA GLY A 308 16.24 -15.16 15.91
C GLY A 308 16.21 -15.93 17.24
N ASP A 309 15.80 -15.25 18.31
CA ASP A 309 15.79 -15.84 19.67
C ASP A 309 14.81 -16.96 19.97
N TYR A 310 13.67 -16.99 19.28
CA TYR A 310 12.68 -17.99 19.56
C TYR A 310 11.91 -18.50 18.38
N LYS A 311 11.41 -19.72 18.53
CA LYS A 311 10.59 -20.32 17.49
C LYS A 311 9.22 -19.74 17.77
N VAL A 312 8.62 -19.17 16.74
CA VAL A 312 7.30 -18.54 16.89
C VAL A 312 6.15 -19.57 16.96
N VAL A 313 5.26 -19.39 17.94
CA VAL A 313 4.12 -20.29 18.17
C VAL A 313 2.93 -19.78 17.36
N SER A 314 2.30 -20.67 16.60
CA SER A 314 1.15 -20.26 15.77
C SER A 314 -0.09 -19.94 16.60
N LEU A 315 -1.04 -19.20 16.02
CA LEU A 315 -2.27 -18.88 16.78
C LEU A 315 -2.98 -20.17 17.22
N GLU A 316 -3.01 -21.18 16.34
CA GLU A 316 -3.64 -22.45 16.69
C GLU A 316 -2.97 -23.06 17.92
N GLU A 317 -1.62 -23.10 17.97
CA GLU A 317 -0.93 -23.66 19.12
C GLU A 317 -1.10 -22.75 20.31
N ALA A 318 -1.19 -21.43 20.08
CA ALA A 318 -1.35 -20.53 21.22
C ALA A 318 -2.69 -20.71 21.95
N LYS A 319 -3.66 -21.39 21.33
CA LYS A 319 -4.93 -21.57 22.02
C LYS A 319 -4.71 -22.35 23.32
N ALA A 320 -3.68 -23.21 23.33
CA ALA A 320 -3.42 -24.06 24.50
C ALA A 320 -3.00 -23.24 25.69
N TRP A 321 -2.50 -22.03 25.47
CA TRP A 321 -2.08 -21.16 26.59
C TRP A 321 -3.26 -20.69 27.46
N TYR A 322 -4.45 -20.78 26.92
CA TYR A 322 -5.60 -20.27 27.60
C TYR A 322 -6.61 -21.36 27.92
N PRO B 2 -13.31 -10.67 -11.88
CA PRO B 2 -12.38 -11.80 -11.82
C PRO B 2 -11.16 -11.43 -12.68
N LEU B 3 -10.03 -12.11 -12.46
CA LEU B 3 -8.80 -11.88 -13.28
C LEU B 3 -9.16 -12.24 -14.75
N CYS B 4 -8.92 -11.30 -15.65
CA CYS B 4 -9.29 -11.48 -17.06
C CYS B 4 -8.11 -11.33 -18.03
N THR B 5 -8.10 -12.11 -19.12
CA THR B 5 -7.06 -12.03 -20.13
C THR B 5 -7.27 -10.78 -20.98
N LEU B 6 -6.18 -10.30 -21.60
CA LEU B 6 -6.27 -9.12 -22.41
C LEU B 6 -7.02 -9.49 -23.67
N ARG B 7 -6.78 -10.71 -24.14
CA ARG B 7 -7.44 -11.17 -25.38
C ARG B 7 -8.95 -11.10 -25.21
N GLN B 8 -9.45 -11.59 -24.07
CA GLN B 8 -10.95 -11.58 -23.97
C GLN B 8 -11.49 -10.17 -23.74
N MET B 9 -10.82 -9.42 -22.87
CA MET B 9 -11.26 -8.06 -22.55
C MET B 9 -11.22 -7.11 -23.77
N LEU B 10 -10.15 -7.19 -24.57
CA LEU B 10 -10.05 -6.30 -25.73
C LEU B 10 -10.87 -6.87 -26.90
N GLY B 11 -11.07 -8.19 -26.94
CA GLY B 11 -11.90 -8.77 -28.00
C GLY B 11 -13.31 -8.21 -27.81
N GLU B 12 -13.79 -8.13 -26.56
CA GLU B 12 -15.12 -7.58 -26.28
C GLU B 12 -15.20 -6.11 -26.67
N ALA B 13 -14.17 -5.36 -26.31
CA ALA B 13 -14.12 -3.96 -26.68
C ALA B 13 -14.10 -3.82 -28.22
N ARG B 14 -13.32 -4.66 -28.88
CA ARG B 14 -13.27 -4.52 -30.35
C ARG B 14 -14.69 -4.79 -30.96
N LYS B 15 -15.33 -5.85 -30.48
CA LYS B 15 -16.65 -6.25 -31.02
C LYS B 15 -17.72 -5.18 -30.83
N HIS B 16 -17.60 -4.41 -29.75
CA HIS B 16 -18.62 -3.38 -29.44
C HIS B 16 -18.16 -1.94 -29.60
N LYS B 17 -17.02 -1.77 -30.26
CA LYS B 17 -16.44 -0.47 -30.54
C LYS B 17 -16.25 0.47 -29.37
N TYR B 18 -15.61 -0.02 -28.31
CA TYR B 18 -15.28 0.88 -27.20
C TYR B 18 -13.83 0.54 -26.87
N GLY B 19 -13.20 1.39 -26.07
CA GLY B 19 -11.82 1.17 -25.65
C GLY B 19 -11.76 1.02 -24.13
N VAL B 20 -10.73 0.34 -23.62
CA VAL B 20 -10.59 0.11 -22.17
C VAL B 20 -9.35 0.86 -21.69
N GLY B 21 -9.51 1.63 -20.62
CA GLY B 21 -8.35 2.32 -20.13
C GLY B 21 -7.47 1.32 -19.38
N ALA B 22 -6.16 1.50 -19.58
CA ALA B 22 -5.15 0.68 -18.93
C ALA B 22 -4.35 1.69 -18.12
N PHE B 23 -4.41 1.52 -16.78
CA PHE B 23 -3.83 2.49 -15.85
C PHE B 23 -2.65 1.91 -15.08
N ASN B 24 -1.50 2.59 -15.22
CA ASN B 24 -0.30 2.17 -14.51
C ASN B 24 -0.51 2.38 -13.01
N VAL B 25 -0.19 1.37 -12.17
CA VAL B 25 -0.32 1.48 -10.73
C VAL B 25 0.97 1.12 -10.09
N ASN B 26 1.32 1.84 -8.99
CA ASN B 26 2.59 1.62 -8.28
C ASN B 26 2.42 1.46 -6.80
N ASN B 27 1.23 1.81 -6.25
CA ASN B 27 1.06 1.65 -4.82
C ASN B 27 -0.43 1.55 -4.45
N MET B 28 -0.74 1.55 -3.16
CA MET B 28 -2.12 1.36 -2.74
C MET B 28 -3.12 2.48 -3.14
N GLU B 29 -2.77 3.71 -2.82
CA GLU B 29 -3.68 4.81 -3.15
C GLU B 29 -3.93 4.91 -4.65
N GLN B 30 -2.94 4.54 -5.47
CA GLN B 30 -3.19 4.57 -6.91
C GLN B 30 -4.18 3.49 -7.31
N ILE B 31 -4.02 2.26 -6.81
CA ILE B 31 -4.99 1.23 -7.20
C ILE B 31 -6.38 1.61 -6.67
N GLN B 32 -6.44 2.13 -5.45
CA GLN B 32 -7.73 2.51 -4.91
C GLN B 32 -8.40 3.61 -5.77
N GLY B 33 -7.60 4.59 -6.21
CA GLY B 33 -8.19 5.67 -7.03
C GLY B 33 -8.75 5.19 -8.36
N ILE B 34 -8.05 4.24 -8.96
CA ILE B 34 -8.48 3.70 -10.21
C ILE B 34 -9.70 2.84 -9.98
N MET B 35 -9.66 1.95 -9.00
CA MET B 35 -10.84 1.06 -8.85
C MET B 35 -12.10 1.79 -8.47
N LYS B 36 -12.00 2.89 -7.73
CA LYS B 36 -13.24 3.61 -7.38
C LYS B 36 -13.90 4.10 -8.68
N ALA B 37 -13.12 4.54 -9.64
CA ALA B 37 -13.73 5.02 -10.88
C ALA B 37 -14.32 3.90 -11.71
N VAL B 38 -13.58 2.80 -11.93
CA VAL B 38 -14.12 1.76 -12.78
C VAL B 38 -15.29 1.08 -12.10
N VAL B 39 -15.29 1.02 -10.77
CA VAL B 39 -16.43 0.37 -10.11
C VAL B 39 -17.65 1.29 -10.22
N GLN B 40 -17.45 2.58 -10.00
CA GLN B 40 -18.56 3.55 -10.10
C GLN B 40 -19.19 3.51 -11.51
N LEU B 41 -18.35 3.39 -12.56
CA LEU B 41 -18.86 3.33 -13.93
C LEU B 41 -19.11 1.91 -14.50
N LYS B 42 -18.98 0.89 -13.66
CA LYS B 42 -19.16 -0.55 -13.99
C LYS B 42 -18.45 -0.84 -15.32
N SER B 43 -17.16 -0.62 -15.29
CA SER B 43 -16.29 -0.76 -16.45
C SER B 43 -15.16 -1.76 -16.24
N PRO B 44 -14.79 -2.50 -17.31
CA PRO B 44 -13.67 -3.44 -17.11
C PRO B 44 -12.43 -2.55 -16.93
N VAL B 45 -11.33 -3.12 -16.53
CA VAL B 45 -10.13 -2.29 -16.35
C VAL B 45 -8.87 -3.11 -16.51
N ILE B 46 -7.79 -2.46 -16.92
CA ILE B 46 -6.52 -3.10 -17.02
C ILE B 46 -5.63 -2.37 -16.05
N LEU B 47 -5.08 -3.07 -15.03
CA LEU B 47 -4.12 -2.46 -14.15
C LEU B 47 -2.72 -2.82 -14.72
N GLN B 48 -1.88 -1.85 -15.01
CA GLN B 48 -0.57 -2.23 -15.53
C GLN B 48 0.58 -1.78 -14.68
N CYS B 49 1.63 -2.62 -14.72
CA CYS B 49 2.79 -2.36 -13.87
C CYS B 49 4.02 -2.53 -14.73
N SER B 50 4.94 -1.57 -14.67
CA SER B 50 6.21 -1.73 -15.39
C SER B 50 7.19 -2.50 -14.50
N ARG B 51 8.30 -2.95 -15.09
CA ARG B 51 9.31 -3.60 -14.30
C ARG B 51 9.78 -2.66 -13.19
N GLY B 52 9.77 -1.37 -13.48
CA GLY B 52 10.19 -0.38 -12.51
C GLY B 52 9.19 -0.28 -11.37
N ALA B 53 7.91 -0.39 -11.69
CA ALA B 53 6.91 -0.33 -10.64
C ALA B 53 7.06 -1.57 -9.79
N LEU B 54 7.39 -2.71 -10.42
CA LEU B 54 7.56 -3.96 -9.66
C LEU B 54 8.80 -3.84 -8.76
N LYS B 55 9.82 -3.17 -9.24
CA LYS B 55 11.00 -3.00 -8.38
C LYS B 55 10.65 -2.10 -7.17
N TYR B 56 9.89 -1.05 -7.46
CA TYR B 56 9.51 -0.08 -6.45
C TYR B 56 8.72 -0.73 -5.31
N SER B 57 7.91 -1.71 -5.66
CA SER B 57 7.09 -2.42 -4.70
C SER B 57 7.67 -3.77 -4.26
N ASP B 58 8.95 -4.04 -4.59
CA ASP B 58 9.63 -5.30 -4.26
C ASP B 58 8.85 -6.49 -4.81
N MET B 59 8.15 -6.28 -5.92
CA MET B 59 7.30 -7.26 -6.55
C MET B 59 6.12 -7.72 -5.69
N ILE B 60 6.41 -8.24 -4.51
CA ILE B 60 5.35 -8.81 -3.70
C ILE B 60 4.29 -7.84 -3.19
N TYR B 61 4.65 -6.59 -2.89
CA TYR B 61 3.60 -5.70 -2.38
C TYR B 61 2.57 -5.39 -3.43
N LEU B 62 3.02 -5.18 -4.66
CA LEU B 62 2.08 -4.88 -5.75
C LEU B 62 1.25 -6.11 -6.11
N LYS B 63 1.85 -7.29 -6.07
CA LYS B 63 1.05 -8.54 -6.34
C LYS B 63 -0.11 -8.64 -5.36
N LYS B 64 0.21 -8.46 -4.09
CA LYS B 64 -0.79 -8.50 -3.04
C LYS B 64 -1.82 -7.38 -3.15
N LEU B 65 -1.43 -6.16 -3.58
CA LEU B 65 -2.45 -5.11 -3.70
C LEU B 65 -3.42 -5.47 -4.84
N CYS B 66 -2.88 -6.04 -5.91
CA CYS B 66 -3.74 -6.45 -7.02
C CYS B 66 -4.66 -7.59 -6.55
N GLU B 67 -4.16 -8.48 -5.67
CA GLU B 67 -5.07 -9.55 -5.17
C GLU B 67 -6.18 -8.91 -4.39
N ALA B 68 -5.85 -7.81 -3.69
CA ALA B 68 -6.88 -7.11 -2.93
C ALA B 68 -7.95 -6.57 -3.83
N ALA B 69 -7.54 -5.97 -4.96
CA ALA B 69 -8.58 -5.42 -5.86
C ALA B 69 -9.48 -6.52 -6.42
N LEU B 70 -8.85 -7.61 -6.81
CA LEU B 70 -9.57 -8.74 -7.40
C LEU B 70 -10.57 -9.29 -6.40
N GLU B 71 -10.18 -9.36 -5.12
CA GLU B 71 -11.11 -9.84 -4.09
C GLU B 71 -12.19 -8.85 -3.70
N LYS B 72 -11.83 -7.58 -3.59
CA LYS B 72 -12.80 -6.58 -3.18
C LYS B 72 -13.87 -6.32 -4.26
N HIS B 73 -13.52 -6.51 -5.52
CA HIS B 73 -14.48 -6.19 -6.62
C HIS B 73 -14.54 -7.43 -7.53
N PRO B 74 -15.10 -8.54 -6.99
CA PRO B 74 -15.20 -9.81 -7.70
C PRO B 74 -15.87 -9.77 -9.06
N ASP B 75 -16.75 -8.80 -9.25
CA ASP B 75 -17.47 -8.79 -10.49
C ASP B 75 -16.98 -7.89 -11.58
N ILE B 76 -15.80 -7.30 -11.37
CA ILE B 76 -15.25 -6.42 -12.37
C ILE B 76 -14.14 -7.18 -13.11
N PRO B 77 -14.23 -7.30 -14.45
CA PRO B 77 -13.15 -8.01 -15.18
C PRO B 77 -11.94 -7.13 -14.98
N ILE B 78 -10.86 -7.74 -14.50
CA ILE B 78 -9.63 -6.98 -14.23
C ILE B 78 -8.47 -7.69 -14.86
N CYS B 79 -7.77 -7.02 -15.79
CA CYS B 79 -6.58 -7.63 -16.42
C CYS B 79 -5.32 -7.06 -15.74
N ILE B 80 -4.40 -7.93 -15.29
CA ILE B 80 -3.14 -7.42 -14.63
C ILE B 80 -2.10 -7.64 -15.69
N HIS B 81 -1.49 -6.53 -16.10
CA HIS B 81 -0.62 -6.52 -17.26
C HIS B 81 0.71 -5.95 -17.03
N LEU B 82 1.72 -6.63 -17.56
CA LEU B 82 3.12 -6.15 -17.46
C LEU B 82 3.34 -5.12 -18.60
N ASP B 83 3.51 -3.83 -18.26
CA ASP B 83 3.73 -2.81 -19.27
C ASP B 83 5.21 -2.71 -19.67
N HIS B 84 5.45 -2.54 -20.96
CA HIS B 84 6.79 -2.36 -21.47
C HIS B 84 7.79 -3.39 -21.06
N GLY B 85 7.39 -4.65 -21.10
CA GLY B 85 8.32 -5.69 -20.76
C GLY B 85 9.47 -5.62 -21.76
N ASP B 86 10.68 -5.96 -21.28
CA ASP B 86 11.83 -5.89 -22.16
C ASP B 86 12.42 -7.23 -22.58
N THR B 87 12.20 -8.26 -21.77
CA THR B 87 12.79 -9.56 -22.06
C THR B 87 11.88 -10.70 -21.65
N LEU B 88 12.16 -11.87 -22.19
CA LEU B 88 11.44 -13.06 -21.79
C LEU B 88 11.60 -13.25 -20.30
N GLU B 89 12.80 -12.95 -19.75
CA GLU B 89 12.96 -13.08 -18.32
C GLU B 89 11.99 -12.21 -17.53
N SER B 90 11.75 -10.99 -18.02
CA SER B 90 10.78 -10.12 -17.30
C SER B 90 9.35 -10.70 -17.40
N VAL B 91 9.05 -11.29 -18.56
CA VAL B 91 7.74 -11.89 -18.76
C VAL B 91 7.56 -13.08 -17.82
N LYS B 92 8.59 -13.88 -17.66
CA LYS B 92 8.46 -15.05 -16.77
C LYS B 92 8.19 -14.61 -15.36
N MET B 93 8.86 -13.53 -14.98
CA MET B 93 8.71 -13.01 -13.66
C MET B 93 7.30 -12.54 -13.40
N ALA B 94 6.72 -11.86 -14.38
CA ALA B 94 5.33 -11.39 -14.26
C ALA B 94 4.33 -12.54 -14.24
N ILE B 95 4.52 -13.51 -15.11
CA ILE B 95 3.57 -14.62 -15.18
C ILE B 95 3.61 -15.35 -13.83
N ASP B 96 4.81 -15.53 -13.28
CA ASP B 96 4.99 -16.12 -11.96
C ASP B 96 4.26 -15.38 -10.85
N LEU B 97 4.11 -14.05 -11.00
CA LEU B 97 3.38 -13.26 -10.00
C LEU B 97 1.88 -13.39 -10.21
N GLY B 98 1.50 -14.03 -11.30
CA GLY B 98 0.09 -14.26 -11.54
C GLY B 98 -0.55 -13.32 -12.52
N PHE B 99 0.27 -12.61 -13.29
CA PHE B 99 -0.28 -11.68 -14.32
C PHE B 99 -1.04 -12.43 -15.41
N SER B 100 -2.02 -11.75 -16.03
CA SER B 100 -2.82 -12.38 -17.07
C SER B 100 -2.47 -11.86 -18.44
N SER B 101 -1.58 -10.85 -18.48
CA SER B 101 -1.16 -10.31 -19.78
C SER B 101 0.22 -9.66 -19.65
N VAL B 102 0.97 -9.63 -20.76
CA VAL B 102 2.28 -8.98 -20.78
C VAL B 102 2.45 -8.28 -22.09
N MET B 103 3.21 -7.19 -22.05
CA MET B 103 3.63 -6.52 -23.25
C MET B 103 5.10 -6.83 -23.45
N ILE B 104 5.52 -7.23 -24.66
CA ILE B 104 6.96 -7.43 -24.91
C ILE B 104 7.26 -6.33 -25.90
N ASP B 105 7.98 -5.32 -25.45
CA ASP B 105 8.25 -4.20 -26.34
C ASP B 105 9.66 -4.31 -26.94
N ALA B 106 9.70 -4.76 -28.20
CA ALA B 106 10.98 -4.88 -28.90
C ALA B 106 10.88 -4.03 -30.16
N SER B 107 10.07 -2.97 -30.09
CA SER B 107 9.83 -2.14 -31.25
C SER B 107 11.05 -1.32 -31.68
N HIS B 108 12.03 -1.14 -30.80
CA HIS B 108 13.24 -0.39 -31.17
C HIS B 108 14.20 -1.29 -31.96
N HIS B 109 13.91 -2.59 -32.04
CA HIS B 109 14.74 -3.49 -32.84
C HIS B 109 14.29 -3.55 -34.29
N PRO B 110 15.18 -3.97 -35.21
CA PRO B 110 14.80 -4.09 -36.63
C PRO B 110 13.70 -5.18 -36.64
N PHE B 111 12.86 -5.12 -37.66
CA PHE B 111 11.75 -6.04 -37.82
C PHE B 111 12.01 -7.49 -37.48
N ASP B 112 13.02 -8.09 -38.09
CA ASP B 112 13.25 -9.49 -37.81
C ASP B 112 13.58 -9.81 -36.37
N GLU B 113 14.33 -8.91 -35.72
CA GLU B 113 14.69 -9.17 -34.34
C GLU B 113 13.46 -8.90 -33.43
N ASN B 114 12.61 -7.93 -33.79
CA ASN B 114 11.39 -7.65 -33.01
C ASN B 114 10.55 -8.97 -33.10
N VAL B 115 10.36 -9.51 -34.30
CA VAL B 115 9.64 -10.79 -34.47
C VAL B 115 10.25 -11.91 -33.61
N ARG B 116 11.58 -12.13 -33.68
CA ARG B 116 12.24 -13.19 -32.93
C ARG B 116 11.97 -13.13 -31.43
N ILE B 117 12.23 -11.96 -30.88
CA ILE B 117 11.99 -11.78 -29.45
C ILE B 117 10.50 -11.95 -29.09
N THR B 118 9.62 -11.35 -29.89
CA THR B 118 8.20 -11.42 -29.60
C THR B 118 7.67 -12.84 -29.68
N LYS B 119 8.13 -13.57 -30.68
CA LYS B 119 7.66 -14.94 -30.85
C LYS B 119 7.95 -15.81 -29.66
N GLU B 120 9.13 -15.61 -29.10
CA GLU B 120 9.58 -16.41 -27.98
C GLU B 120 8.70 -16.13 -26.76
N VAL B 121 8.38 -14.85 -26.54
CA VAL B 121 7.48 -14.49 -25.46
C VAL B 121 6.08 -15.10 -25.72
N VAL B 122 5.58 -15.01 -26.95
CA VAL B 122 4.26 -15.55 -27.22
C VAL B 122 4.17 -17.05 -26.93
N ALA B 123 5.19 -17.79 -27.32
CA ALA B 123 5.17 -19.23 -27.08
C ALA B 123 5.07 -19.52 -25.60
N TYR B 124 5.89 -18.82 -24.80
CA TYR B 124 5.90 -19.00 -23.37
C TYR B 124 4.57 -18.58 -22.74
N ALA B 125 4.10 -17.39 -23.08
CA ALA B 125 2.86 -16.91 -22.51
C ALA B 125 1.60 -17.70 -22.93
N HIS B 126 1.45 -17.96 -24.23
CA HIS B 126 0.25 -18.65 -24.70
C HIS B 126 0.12 -20.07 -24.12
N ALA B 127 1.24 -20.68 -23.80
CA ALA B 127 1.23 -22.01 -23.18
C ALA B 127 0.57 -21.93 -21.81
N ARG B 128 0.54 -20.75 -21.20
CA ARG B 128 -0.06 -20.55 -19.87
C ARG B 128 -1.36 -19.80 -19.94
N SER B 129 -1.82 -19.49 -21.16
CA SER B 129 -3.08 -18.80 -21.36
C SER B 129 -3.00 -17.29 -21.27
N VAL B 130 -1.79 -16.80 -21.00
CA VAL B 130 -1.51 -15.38 -20.82
C VAL B 130 -1.44 -14.63 -22.12
N SER B 131 -2.06 -13.42 -22.16
CA SER B 131 -2.09 -12.65 -23.42
C SER B 131 -0.80 -11.91 -23.66
N VAL B 132 -0.57 -11.54 -24.92
CA VAL B 132 0.65 -10.81 -25.25
C VAL B 132 0.35 -9.66 -26.15
N GLU B 133 0.85 -8.49 -25.74
CA GLU B 133 0.77 -7.24 -26.52
C GLU B 133 2.22 -7.00 -27.06
N ALA B 134 2.37 -6.56 -28.31
CA ALA B 134 3.71 -6.25 -28.85
C ALA B 134 3.60 -4.94 -29.60
N GLU B 135 4.71 -4.40 -30.08
CA GLU B 135 4.65 -3.10 -30.71
C GLU B 135 5.47 -3.06 -31.99
N LEU B 136 4.95 -2.33 -32.99
CA LEU B 136 5.70 -2.18 -34.20
C LEU B 136 5.67 -0.67 -34.48
N GLY B 137 6.83 -0.04 -34.55
CA GLY B 137 6.90 1.39 -34.82
C GLY B 137 7.24 1.68 -36.27
N LEU B 152 2.80 6.22 -38.33
CA LEU B 152 3.71 5.72 -39.35
C LEU B 152 4.05 4.24 -39.16
N THR B 153 3.18 3.37 -39.66
CA THR B 153 3.36 1.93 -39.60
C THR B 153 2.69 1.39 -40.86
N GLU B 154 3.44 0.77 -41.76
CA GLU B 154 2.82 0.22 -42.98
C GLU B 154 1.80 -0.84 -42.56
N PRO B 155 0.60 -0.75 -43.08
CA PRO B 155 -0.36 -1.78 -42.62
C PRO B 155 -0.02 -3.22 -43.02
N GLN B 156 0.58 -3.42 -44.19
CA GLN B 156 0.96 -4.77 -44.57
C GLN B 156 2.12 -5.27 -43.69
N ASP B 157 2.95 -4.36 -43.20
CA ASP B 157 4.04 -4.78 -42.29
C ASP B 157 3.38 -5.19 -40.95
N ALA B 158 2.35 -4.47 -40.54
CA ALA B 158 1.65 -4.82 -39.29
C ALA B 158 1.00 -6.19 -39.44
N LYS B 159 0.38 -6.44 -40.60
CA LYS B 159 -0.26 -7.72 -40.85
C LYS B 159 0.75 -8.88 -40.77
N LYS B 160 1.90 -8.70 -41.43
CA LYS B 160 2.97 -9.72 -41.45
C LYS B 160 3.48 -9.99 -40.04
N PHE B 161 3.67 -8.93 -39.28
CA PHE B 161 4.19 -9.07 -37.92
C PHE B 161 3.25 -9.91 -37.06
N VAL B 162 1.94 -9.62 -37.14
CA VAL B 162 0.98 -10.34 -36.33
C VAL B 162 0.91 -11.77 -36.80
N GLU B 163 0.97 -11.98 -38.11
CA GLU B 163 0.97 -13.36 -38.62
C GLU B 163 2.19 -14.18 -38.13
N LEU B 164 3.37 -13.57 -38.18
CA LEU B 164 4.59 -14.27 -37.75
C LEU B 164 4.67 -14.50 -36.27
N THR B 165 4.08 -13.58 -35.48
CA THR B 165 4.18 -13.71 -34.02
C THR B 165 3.01 -14.31 -33.25
N GLY B 166 1.78 -14.09 -33.75
CA GLY B 166 0.61 -14.58 -33.04
C GLY B 166 0.21 -13.75 -31.83
N VAL B 167 0.61 -12.47 -31.77
CA VAL B 167 0.27 -11.66 -30.57
C VAL B 167 -1.23 -11.39 -30.52
N ASP B 168 -1.75 -11.19 -29.32
CA ASP B 168 -3.16 -10.89 -29.11
C ASP B 168 -3.53 -9.43 -29.32
N ALA B 169 -2.57 -8.53 -29.16
CA ALA B 169 -2.79 -7.08 -29.32
C ALA B 169 -1.55 -6.39 -29.87
N LEU B 170 -1.74 -5.26 -30.59
CA LEU B 170 -0.60 -4.59 -31.23
C LEU B 170 -0.64 -3.08 -31.00
N ALA B 171 0.41 -2.59 -30.39
CA ALA B 171 0.52 -1.14 -30.15
C ALA B 171 1.09 -0.60 -31.46
N VAL B 172 0.46 0.40 -32.02
CA VAL B 172 1.00 0.93 -33.27
C VAL B 172 1.22 2.42 -33.18
N ALA B 173 2.22 2.91 -33.93
CA ALA B 173 2.58 4.32 -33.97
C ALA B 173 1.46 5.09 -34.67
N ILE B 174 0.62 5.75 -33.87
CA ILE B 174 -0.55 6.49 -34.37
C ILE B 174 -0.40 8.00 -34.64
N GLY B 175 -1.33 8.49 -35.46
CA GLY B 175 -1.38 9.89 -35.83
C GLY B 175 -2.60 10.14 -36.69
N LEU B 191 -6.24 12.84 -40.47
CA LEU B 191 -5.04 12.45 -41.23
C LEU B 191 -4.55 11.02 -40.94
N ALA B 192 -4.79 10.10 -41.87
CA ALA B 192 -4.35 8.71 -41.71
C ALA B 192 -5.10 7.91 -40.60
N ILE B 193 -6.36 8.26 -40.38
CA ILE B 193 -7.16 7.56 -39.40
C ILE B 193 -7.65 6.31 -40.13
N ASP B 194 -7.55 6.37 -41.44
CA ASP B 194 -7.93 5.22 -42.25
C ASP B 194 -6.71 4.29 -42.15
N ARG B 195 -5.56 4.82 -41.66
CA ARG B 195 -4.38 3.95 -41.52
C ARG B 195 -4.70 3.06 -40.34
N VAL B 196 -5.16 3.66 -39.26
CA VAL B 196 -5.55 2.90 -38.07
C VAL B 196 -6.60 1.86 -38.49
N LYS B 197 -7.58 2.30 -39.25
CA LYS B 197 -8.62 1.38 -39.65
C LYS B 197 -8.08 0.24 -40.47
N THR B 198 -7.11 0.56 -41.31
CA THR B 198 -6.57 -0.44 -42.18
C THR B 198 -5.72 -1.44 -41.43
N ILE B 199 -4.95 -0.93 -40.47
CA ILE B 199 -4.15 -1.82 -39.63
C ILE B 199 -5.10 -2.75 -38.85
N SER B 200 -6.19 -2.19 -38.30
CA SER B 200 -7.13 -3.01 -37.55
C SER B 200 -7.75 -4.09 -38.45
N ASP B 201 -8.16 -3.72 -39.65
CA ASP B 201 -8.81 -4.69 -40.52
C ASP B 201 -7.87 -5.76 -41.02
N LEU B 202 -6.63 -5.37 -41.38
CA LEU B 202 -5.65 -6.35 -41.88
C LEU B 202 -5.18 -7.30 -40.78
N THR B 203 -4.87 -6.78 -39.62
CA THR B 203 -4.41 -7.65 -38.55
C THR B 203 -5.53 -8.45 -37.91
N GLY B 204 -6.73 -7.87 -37.87
CA GLY B 204 -7.84 -8.58 -37.28
C GLY B 204 -7.82 -8.63 -35.76
N ILE B 205 -6.95 -7.84 -35.14
CA ILE B 205 -6.84 -7.88 -33.69
C ILE B 205 -6.91 -6.50 -33.05
N PRO B 206 -7.16 -6.45 -31.73
CA PRO B 206 -7.25 -5.19 -30.99
C PRO B 206 -5.95 -4.38 -31.11
N LEU B 207 -6.05 -3.05 -31.24
CA LEU B 207 -4.88 -2.19 -31.31
C LEU B 207 -4.75 -1.41 -30.02
N VAL B 208 -3.53 -1.00 -29.70
CA VAL B 208 -3.25 -0.29 -28.46
C VAL B 208 -2.64 1.08 -28.75
N MET B 209 -3.08 2.08 -27.99
CA MET B 209 -2.59 3.43 -28.10
C MET B 209 -1.87 3.85 -26.82
N HIS B 210 -0.55 4.01 -26.94
CA HIS B 210 0.30 4.37 -25.80
C HIS B 210 0.33 5.89 -25.57
N GLY B 211 0.49 6.29 -24.31
CA GLY B 211 0.51 7.71 -23.94
C GLY B 211 0.65 8.72 -25.06
N VAL B 215 -3.41 15.96 -21.19
CA VAL B 215 -2.90 16.53 -19.93
C VAL B 215 -3.85 17.65 -19.48
N PRO B 216 -4.91 17.29 -18.74
CA PRO B 216 -5.94 18.21 -18.23
C PRO B 216 -5.47 19.57 -17.73
N LYS B 217 -6.25 20.59 -18.05
CA LYS B 217 -5.97 21.96 -17.61
C LYS B 217 -5.97 22.04 -16.09
N ASP B 218 -6.99 21.42 -15.49
CA ASP B 218 -7.17 21.41 -14.05
C ASP B 218 -5.93 20.95 -13.34
N VAL B 219 -5.45 19.76 -13.70
CA VAL B 219 -4.25 19.21 -13.08
C VAL B 219 -3.06 20.09 -13.38
N LYS B 220 -2.87 20.43 -14.65
CA LYS B 220 -1.72 21.27 -14.98
C LYS B 220 -1.67 22.57 -14.19
N ASP B 221 -2.79 23.27 -14.14
CA ASP B 221 -2.81 24.56 -13.46
C ASP B 221 -2.56 24.48 -11.96
N MET B 222 -3.15 23.47 -11.34
CA MET B 222 -3.00 23.23 -9.92
C MET B 222 -1.54 22.99 -9.55
N ILE B 223 -0.86 22.14 -10.30
CA ILE B 223 0.55 21.86 -10.02
C ILE B 223 1.37 23.14 -10.03
N ASN B 224 1.18 23.98 -11.03
CA ASN B 224 1.94 25.22 -11.08
C ASN B 224 1.48 26.20 -10.01
N LYS B 225 0.18 26.24 -9.76
CA LYS B 225 -0.34 27.16 -8.76
C LYS B 225 0.39 26.90 -7.44
N TYR B 226 0.65 25.63 -7.15
CA TYR B 226 1.26 25.27 -5.88
C TYR B 226 2.73 24.84 -5.82
N GLY B 227 3.54 25.48 -6.67
CA GLY B 227 4.96 25.25 -6.64
C GLY B 227 5.64 24.34 -7.61
N GLY B 228 4.85 23.65 -8.42
CA GLY B 228 5.40 22.72 -9.38
C GLY B 228 5.99 23.44 -10.56
N LYS B 229 6.64 22.70 -11.43
CA LYS B 229 7.27 23.28 -12.58
C LYS B 229 7.12 22.25 -13.69
N MET B 230 5.90 22.16 -14.22
CA MET B 230 5.60 21.21 -15.26
C MET B 230 5.99 21.70 -16.64
N PRO B 231 6.50 20.80 -17.49
CA PRO B 231 6.93 21.04 -18.88
C PRO B 231 5.78 21.71 -19.64
N ASP B 232 6.08 22.50 -20.65
CA ASP B 232 5.00 23.15 -21.41
C ASP B 232 4.51 22.22 -22.51
N ALA B 233 4.52 20.93 -22.25
CA ALA B 233 4.29 19.92 -23.30
C ALA B 233 2.91 19.69 -23.96
N VAL B 234 2.00 18.97 -23.29
CA VAL B 234 0.70 18.59 -23.88
C VAL B 234 0.77 18.69 -25.42
N PRO B 237 -5.52 15.16 -27.31
CA PRO B 237 -6.90 15.60 -27.55
C PRO B 237 -7.89 14.44 -27.46
N ILE B 238 -8.71 14.44 -26.42
CA ILE B 238 -9.69 13.36 -26.23
C ILE B 238 -10.48 12.96 -27.48
N GLU B 239 -10.99 13.93 -28.25
CA GLU B 239 -11.73 13.60 -29.48
C GLU B 239 -10.95 12.68 -30.42
N SER B 240 -9.66 12.90 -30.51
CA SER B 240 -8.79 12.11 -31.40
C SER B 240 -8.72 10.67 -30.92
N ILE B 241 -8.69 10.50 -29.60
CA ILE B 241 -8.67 9.17 -29.02
C ILE B 241 -10.01 8.53 -29.30
N VAL B 242 -11.12 9.25 -29.11
CA VAL B 242 -12.43 8.65 -29.37
C VAL B 242 -12.52 8.20 -30.81
N HIS B 243 -12.02 9.04 -31.69
CA HIS B 243 -12.00 8.80 -33.14
C HIS B 243 -11.24 7.48 -33.43
N ALA B 244 -10.10 7.33 -32.78
CA ALA B 244 -9.24 6.16 -32.98
C ALA B 244 -9.91 4.89 -32.44
N ILE B 245 -10.62 4.98 -31.31
CA ILE B 245 -11.35 3.82 -30.76
C ILE B 245 -12.39 3.32 -31.78
N GLY B 246 -13.08 4.26 -32.40
CA GLY B 246 -14.09 3.85 -33.35
C GLY B 246 -13.50 3.07 -34.52
N GLU B 247 -12.19 3.18 -34.73
CA GLU B 247 -11.58 2.46 -35.84
C GLU B 247 -10.77 1.25 -35.39
N GLY B 248 -10.85 0.88 -34.11
CA GLY B 248 -10.12 -0.31 -33.75
C GLY B 248 -9.15 -0.24 -32.59
N VAL B 249 -8.94 0.96 -32.05
CA VAL B 249 -8.09 1.06 -30.86
C VAL B 249 -8.95 0.57 -29.68
N CYS B 250 -8.45 -0.39 -28.89
CA CYS B 250 -9.26 -0.98 -27.84
C CYS B 250 -8.63 -0.80 -26.48
N LYS B 251 -7.39 -0.35 -26.45
CA LYS B 251 -6.68 -0.19 -25.16
C LYS B 251 -5.98 1.17 -25.18
N ILE B 252 -6.27 2.00 -24.17
CA ILE B 252 -5.69 3.32 -24.07
C ILE B 252 -4.89 3.41 -22.80
N ASN B 253 -3.57 3.58 -22.95
CA ASN B 253 -2.65 3.63 -21.80
C ASN B 253 -2.66 5.03 -21.16
N VAL B 254 -2.91 5.06 -19.85
CA VAL B 254 -2.92 6.31 -19.08
C VAL B 254 -1.99 6.18 -17.85
N ASP B 255 -0.99 7.03 -17.76
CA ASP B 255 -0.05 7.00 -16.63
C ASP B 255 0.22 8.41 -16.12
N SER B 256 0.82 9.27 -16.96
CA SER B 256 1.13 10.67 -16.56
C SER B 256 0.00 11.45 -15.94
N ASP B 257 -1.20 11.28 -16.48
CA ASP B 257 -2.35 12.04 -15.98
C ASP B 257 -2.65 11.74 -14.50
N SER B 258 -2.60 10.47 -14.13
CA SER B 258 -2.84 10.10 -12.74
C SER B 258 -1.72 10.58 -11.83
N ARG B 259 -0.49 10.54 -12.34
CA ARG B 259 0.67 10.97 -11.54
C ARG B 259 0.48 12.46 -11.22
N MET B 260 0.14 13.21 -12.25
CA MET B 260 -0.07 14.64 -12.09
C MET B 260 -1.26 14.97 -11.19
N ALA B 261 -2.38 14.23 -11.31
CA ALA B 261 -3.49 14.49 -10.44
C ALA B 261 -3.08 14.30 -8.97
N MET B 262 -2.34 13.23 -8.69
CA MET B 262 -1.97 13.01 -7.28
C MET B 262 -1.02 14.09 -6.79
N THR B 263 -0.01 14.40 -7.60
CA THR B 263 0.95 15.42 -7.20
C THR B 263 0.30 16.81 -6.98
N GLY B 264 -0.58 17.21 -7.89
CA GLY B 264 -1.23 18.52 -7.71
C GLY B 264 -2.04 18.58 -6.42
N ALA B 265 -2.75 17.51 -6.12
CA ALA B 265 -3.54 17.47 -4.87
C ALA B 265 -2.65 17.55 -3.60
N ILE B 266 -1.51 16.86 -3.59
CA ILE B 266 -0.65 16.91 -2.42
C ILE B 266 -0.05 18.31 -2.29
N ARG B 267 0.38 18.90 -3.41
CA ARG B 267 0.96 20.24 -3.35
C ARG B 267 -0.05 21.24 -2.80
N LYS B 268 -1.32 21.03 -3.12
CA LYS B 268 -2.38 21.96 -2.67
C LYS B 268 -2.53 21.84 -1.15
N VAL B 269 -2.56 20.62 -0.64
CA VAL B 269 -2.64 20.43 0.84
C VAL B 269 -1.42 21.04 1.53
N PHE B 270 -0.21 20.83 0.97
CA PHE B 270 1.02 21.34 1.59
C PHE B 270 1.03 22.87 1.72
N VAL B 271 0.50 23.55 0.71
CA VAL B 271 0.45 25.03 0.78
C VAL B 271 -0.67 25.57 1.63
N GLU B 272 -1.85 24.99 1.46
CA GLU B 272 -3.05 25.43 2.14
C GLU B 272 -3.14 25.07 3.64
N HIS B 273 -2.55 23.94 4.02
CA HIS B 273 -2.58 23.49 5.40
C HIS B 273 -1.21 22.94 5.73
N PRO B 274 -0.21 23.83 5.89
CA PRO B 274 1.16 23.43 6.18
C PRO B 274 1.47 22.77 7.50
N GLU B 275 0.48 22.78 8.40
CA GLU B 275 0.64 22.15 9.72
C GLU B 275 0.33 20.66 9.64
N LYS B 276 -0.32 20.23 8.58
CA LYS B 276 -0.67 18.82 8.44
C LYS B 276 0.48 17.95 8.04
N PHE B 277 0.68 16.84 8.79
CA PHE B 277 1.79 15.96 8.49
C PHE B 277 1.40 14.50 8.34
N ASP B 278 0.13 14.18 8.55
CA ASP B 278 -0.34 12.80 8.40
C ASP B 278 -0.47 12.52 6.90
N PRO B 279 0.24 11.50 6.38
CA PRO B 279 0.13 11.21 4.95
C PRO B 279 -1.29 10.97 4.43
N ARG B 280 -2.19 10.50 5.27
CA ARG B 280 -3.56 10.23 4.84
C ARG B 280 -4.25 11.54 4.45
N ASP B 281 -3.77 12.64 5.03
CA ASP B 281 -4.31 13.98 4.81
C ASP B 281 -4.02 14.57 3.43
N TYR B 282 -2.99 14.07 2.75
CA TYR B 282 -2.66 14.54 1.41
C TYR B 282 -2.73 13.40 0.40
N LEU B 283 -2.37 12.18 0.79
CA LEU B 283 -2.56 11.02 -0.13
C LEU B 283 -4.04 10.69 -0.39
N GLY B 284 -4.91 10.91 0.59
CA GLY B 284 -6.31 10.63 0.40
C GLY B 284 -6.83 11.62 -0.66
N PRO B 285 -6.56 12.94 -0.50
CA PRO B 285 -7.01 13.89 -1.51
C PRO B 285 -6.37 13.54 -2.88
N GLY B 286 -5.12 13.04 -2.88
CA GLY B 286 -4.49 12.65 -4.14
C GLY B 286 -5.20 11.46 -4.76
N ARG B 287 -5.60 10.52 -3.93
CA ARG B 287 -6.33 9.34 -4.41
C ARG B 287 -7.65 9.77 -5.00
N ASP B 288 -8.32 10.69 -4.35
CA ASP B 288 -9.60 11.12 -4.93
C ASP B 288 -9.42 11.93 -6.24
N ALA B 289 -8.31 12.67 -6.37
CA ALA B 289 -8.07 13.47 -7.61
C ALA B 289 -7.90 12.50 -8.75
N ILE B 290 -7.18 11.40 -8.49
CA ILE B 290 -7.07 10.39 -9.55
C ILE B 290 -8.43 9.90 -9.99
N THR B 291 -9.31 9.58 -9.04
CA THR B 291 -10.62 9.07 -9.40
C THR B 291 -11.37 10.10 -10.19
N GLU B 292 -11.34 11.36 -9.74
CA GLU B 292 -12.09 12.39 -10.45
C GLU B 292 -11.54 12.64 -11.85
N MET B 293 -10.23 12.55 -12.00
CA MET B 293 -9.66 12.74 -13.33
C MET B 293 -10.04 11.56 -14.26
N LEU B 294 -10.16 10.34 -13.71
CA LEU B 294 -10.47 9.17 -14.54
C LEU B 294 -11.88 9.00 -15.01
N ILE B 295 -12.85 9.50 -14.22
CA ILE B 295 -14.24 9.28 -14.59
C ILE B 295 -14.58 9.78 -16.00
N PRO B 296 -14.21 11.03 -16.35
CA PRO B 296 -14.53 11.56 -17.70
C PRO B 296 -13.84 10.77 -18.82
N LYS B 297 -12.64 10.30 -18.53
CA LYS B 297 -11.87 9.55 -19.52
C LYS B 297 -12.56 8.22 -19.79
N ILE B 298 -12.91 7.52 -18.71
CA ILE B 298 -13.54 6.21 -18.90
C ILE B 298 -14.85 6.40 -19.66
N LYS B 299 -15.57 7.46 -19.33
CA LYS B 299 -16.83 7.71 -20.06
C LYS B 299 -16.59 7.89 -21.55
N ALA B 300 -15.56 8.66 -21.89
CA ALA B 300 -15.21 8.94 -23.29
C ALA B 300 -14.71 7.70 -24.03
N PHE B 301 -13.94 6.86 -23.34
CA PHE B 301 -13.41 5.65 -23.97
C PHE B 301 -14.57 4.71 -24.31
N GLY B 302 -15.68 4.81 -23.56
CA GLY B 302 -16.84 4.01 -23.85
C GLY B 302 -17.05 2.69 -23.16
N SER B 303 -16.20 2.34 -22.18
CA SER B 303 -16.30 1.06 -21.50
C SER B 303 -17.28 1.06 -20.33
N ALA B 304 -17.83 2.24 -20.00
CA ALA B 304 -18.80 2.27 -18.89
C ALA B 304 -20.00 1.33 -19.11
N GLY B 305 -20.38 0.59 -18.10
CA GLY B 305 -21.53 -0.31 -18.25
C GLY B 305 -21.26 -1.67 -18.83
N HIS B 306 -20.03 -1.90 -19.30
CA HIS B 306 -19.70 -3.17 -19.92
C HIS B 306 -19.09 -4.25 -19.07
N ALA B 307 -18.79 -3.92 -17.81
CA ALA B 307 -18.16 -4.89 -16.93
C ALA B 307 -18.93 -6.18 -16.86
N GLY B 308 -20.26 -6.11 -16.93
CA GLY B 308 -21.03 -7.34 -16.81
C GLY B 308 -21.41 -8.02 -18.12
N ASP B 309 -20.78 -7.65 -19.22
CA ASP B 309 -21.14 -8.24 -20.50
C ASP B 309 -20.75 -9.66 -20.75
N TYR B 310 -19.70 -10.14 -20.10
CA TYR B 310 -19.23 -11.48 -20.40
C TYR B 310 -18.75 -12.28 -19.23
N LYS B 311 -18.79 -13.60 -19.36
CA LYS B 311 -18.30 -14.47 -18.30
C LYS B 311 -16.81 -14.48 -18.57
N VAL B 312 -16.01 -14.14 -17.57
CA VAL B 312 -14.55 -14.10 -17.74
C VAL B 312 -13.93 -15.50 -17.80
N VAL B 313 -13.08 -15.73 -18.81
CA VAL B 313 -12.41 -17.02 -19.01
C VAL B 313 -11.12 -17.07 -18.17
N SER B 314 -10.90 -18.14 -17.41
CA SER B 314 -9.67 -18.25 -16.60
C SER B 314 -8.46 -18.52 -17.44
N LEU B 315 -7.28 -18.25 -16.90
CA LEU B 315 -6.06 -18.53 -17.67
C LEU B 315 -6.00 -19.98 -18.04
N GLU B 316 -6.48 -20.84 -17.15
CA GLU B 316 -6.39 -22.27 -17.43
C GLU B 316 -7.27 -22.62 -18.63
N GLU B 317 -8.48 -22.08 -18.69
CA GLU B 317 -9.39 -22.38 -19.79
C GLU B 317 -8.91 -21.68 -21.06
N ALA B 318 -8.19 -20.58 -20.90
CA ALA B 318 -7.65 -19.81 -22.05
C ALA B 318 -6.55 -20.55 -22.78
N LYS B 319 -5.89 -21.49 -22.12
CA LYS B 319 -4.83 -22.23 -22.80
C LYS B 319 -5.39 -22.89 -24.06
N ALA B 320 -6.65 -23.28 -23.98
CA ALA B 320 -7.31 -23.93 -25.13
C ALA B 320 -7.40 -23.05 -26.37
N TRP B 321 -7.41 -21.74 -26.18
CA TRP B 321 -7.47 -20.85 -27.34
C TRP B 321 -6.28 -20.96 -28.24
N TYR B 322 -5.16 -21.44 -27.70
CA TYR B 322 -3.93 -21.48 -28.43
C TYR B 322 -3.51 -22.89 -28.75
N LYS B 323 -4.52 -23.72 -28.61
CA LYS B 323 -4.54 -25.15 -28.81
C LYS B 323 -4.20 -25.95 -27.61
ZN ZN C . -2.13 4.98 21.26
C1 PGH D . 0.65 5.67 19.72
C2 PGH D . 1.99 6.56 19.23
N2 PGH D . 0.25 4.99 18.69
O2 PGH D . -0.91 4.20 19.07
O1 PGH D . 0.22 5.76 20.86
O1P PGH D . 1.44 7.98 19.18
O2P PGH D . 1.65 10.29 18.35
O3P PGH D . 3.16 8.60 17.50
O4P PGH D . 3.44 9.35 19.91
P PGH D . 2.45 9.11 18.71
#